data_8CDW
#
_entry.id   8CDW
#
_cell.length_a   44.482
_cell.length_b   76.676
_cell.length_c   90.249
_cell.angle_alpha   90.00
_cell.angle_beta   96.48
_cell.angle_gamma   90.00
#
_symmetry.space_group_name_H-M   'P 1 21 1'
#
loop_
_entity.id
_entity.type
_entity.pdbx_description
1 polymer 'Mitogen-activated protein kinase kinase kinase kinase 1'
2 non-polymer ~{N}-[4-(1-methylpiperidin-4-yl)phenyl]-7-(1-methylpyrazol-4-yl)quinazolin-2-amine
3 water water
#
_entity_poly.entity_id   1
_entity_poly.type   'polypeptide(L)'
_entity_poly.pdbx_seq_one_letter_code
;MDVVDPDIFNRDPRDHYDLLQRLGGGTYGEVFKARDKVSGDLVALKMVKMEPDDDVSTLQKEILILKTCRHANIVAYHGS
YLWLQKLWICMEFCGAGSLQDIYQVTGSLSELQISYVCREVLQGLAYLHSQKKIHRDIKGANILINDAGEVRLADFGISA
QIGAELARRLEFIGTPYWMAPEVAAVALKGGYNELCDIWSLGITAIELAELQPPLFDVHPLRVLFLMTKSGYQPPRLKEK
GKWSAAFHNFIKVTLTKSPKKRPSATKMLSHQLVSQPGLNRGLILDLLDKLKNPGKGPSIGDIEDEE
;
_entity_poly.pdbx_strand_id   A,B
#
loop_
_chem_comp.id
_chem_comp.type
_chem_comp.name
_chem_comp.formula
UES non-polymer ~{N}-[4-(1-methylpiperidin-4-yl)phenyl]-7-(1-methylpyrazol-4-yl)quinazolin-2-amine 'C24 H26 N6'
#
# COMPACT_ATOMS: atom_id res chain seq x y z
N ASP A 7 19.09 -14.43 21.18
CA ASP A 7 20.42 -13.89 21.41
C ASP A 7 21.11 -13.60 20.07
N ILE A 8 20.82 -12.44 19.45
CA ILE A 8 21.44 -12.09 18.17
C ILE A 8 22.96 -11.93 18.33
N PHE A 9 23.73 -12.89 17.78
CA PHE A 9 25.18 -12.86 17.83
C PHE A 9 25.72 -11.65 17.11
N ASN A 10 26.64 -10.92 17.73
CA ASN A 10 27.25 -9.77 17.07
C ASN A 10 28.60 -10.21 16.48
N ARG A 11 28.55 -11.20 15.58
CA ARG A 11 29.70 -11.75 14.87
C ARG A 11 29.41 -11.76 13.36
N ASP A 12 30.46 -11.83 12.54
CA ASP A 12 30.30 -11.92 11.10
C ASP A 12 30.04 -13.39 10.82
N PRO A 13 28.91 -13.72 10.18
CA PRO A 13 28.61 -15.13 9.87
C PRO A 13 29.64 -15.78 8.95
N ARG A 14 30.31 -14.96 8.12
CA ARG A 14 31.35 -15.40 7.19
C ARG A 14 32.61 -15.96 7.89
N ASP A 15 32.69 -15.88 9.23
CA ASP A 15 33.77 -16.48 10.01
C ASP A 15 33.43 -17.96 10.36
N HIS A 16 32.14 -18.34 10.30
CA HIS A 16 31.64 -19.67 10.61
C HIS A 16 31.13 -20.41 9.36
N TYR A 17 30.63 -19.66 8.37
CA TYR A 17 30.03 -20.26 7.20
C TYR A 17 30.67 -19.82 5.90
N ASP A 18 30.75 -20.73 4.96
CA ASP A 18 31.19 -20.47 3.61
C ASP A 18 29.88 -20.33 2.79
N LEU A 19 29.71 -19.22 2.07
CA LEU A 19 28.55 -19.03 1.21
C LEU A 19 28.84 -19.85 -0.04
N LEU A 20 27.91 -20.75 -0.41
CA LEU A 20 28.11 -21.64 -1.54
C LEU A 20 27.27 -21.28 -2.75
N GLN A 21 26.05 -20.77 -2.52
CA GLN A 21 25.12 -20.55 -3.60
C GLN A 21 24.06 -19.54 -3.23
N ARG A 22 23.78 -18.64 -4.16
CA ARG A 22 22.70 -17.68 -3.98
C ARG A 22 21.43 -18.45 -4.37
N LEU A 23 20.53 -18.65 -3.40
CA LEU A 23 19.29 -19.40 -3.60
C LEU A 23 18.18 -18.51 -4.17
N GLY A 24 18.09 -17.32 -3.66
CA GLY A 24 17.11 -16.35 -4.09
C GLY A 24 17.34 -14.99 -3.47
N GLY A 25 16.41 -14.08 -3.72
CA GLY A 25 16.52 -12.73 -3.19
C GLY A 25 15.60 -11.74 -3.87
N GLY A 26 15.55 -10.54 -3.31
CA GLY A 26 14.71 -9.50 -3.84
C GLY A 26 15.04 -8.17 -3.20
N THR A 27 14.02 -7.34 -2.99
CA THR A 27 14.18 -6.03 -2.35
C THR A 27 14.75 -6.19 -0.94
N TYR A 28 14.28 -7.20 -0.22
CA TYR A 28 14.68 -7.43 1.18
C TYR A 28 16.18 -7.72 1.40
N GLY A 29 16.81 -8.39 0.44
CA GLY A 29 18.17 -8.87 0.56
C GLY A 29 18.36 -10.16 -0.24
N GLU A 30 19.10 -11.13 0.32
CA GLU A 30 19.46 -12.37 -0.37
C GLU A 30 19.37 -13.57 0.53
N VAL A 31 19.11 -14.76 -0.01
CA VAL A 31 19.12 -16.01 0.76
C VAL A 31 20.22 -16.88 0.13
N PHE A 32 21.08 -17.47 0.97
CA PHE A 32 22.16 -18.31 0.49
C PHE A 32 22.14 -19.70 1.08
N LYS A 33 22.65 -20.66 0.31
CA LYS A 33 23.00 -21.97 0.78
C LYS A 33 24.43 -21.73 1.38
N ALA A 34 24.63 -22.14 2.64
CA ALA A 34 25.89 -21.92 3.34
C ALA A 34 26.37 -23.21 3.99
N ARG A 35 27.68 -23.33 4.23
CA ARG A 35 28.25 -24.52 4.83
C ARG A 35 29.09 -24.17 6.03
N ASP A 36 28.91 -24.92 7.12
CA ASP A 36 29.70 -24.77 8.33
C ASP A 36 31.18 -25.08 7.98
N LYS A 37 32.10 -24.12 8.20
CA LYS A 37 33.51 -24.31 7.88
C LYS A 37 34.18 -25.43 8.66
N VAL A 38 33.58 -25.85 9.80
CA VAL A 38 34.18 -26.89 10.61
C VAL A 38 33.50 -28.24 10.43
N SER A 39 32.18 -28.31 10.65
CA SER A 39 31.47 -29.58 10.52
C SER A 39 31.09 -29.96 9.08
N GLY A 40 30.50 -29.02 8.35
CA GLY A 40 30.05 -29.27 6.99
C GLY A 40 28.55 -29.35 6.85
N ASP A 41 27.79 -29.05 7.92
CA ASP A 41 26.32 -29.05 7.90
C ASP A 41 25.83 -27.94 6.96
N LEU A 42 24.66 -28.14 6.33
CA LEU A 42 24.10 -27.15 5.42
C LEU A 42 22.97 -26.38 6.08
N VAL A 43 23.03 -25.04 5.95
CA VAL A 43 22.01 -24.13 6.44
C VAL A 43 21.60 -23.17 5.30
N ALA A 44 20.47 -22.48 5.49
CA ALA A 44 20.09 -21.40 4.63
C ALA A 44 20.34 -20.11 5.45
N LEU A 45 21.02 -19.12 4.88
CA LEU A 45 21.29 -17.85 5.54
C LEU A 45 20.55 -16.74 4.83
N LYS A 46 19.65 -16.06 5.53
CA LYS A 46 18.90 -14.95 4.94
C LYS A 46 19.54 -13.61 5.34
N MET A 47 20.13 -12.91 4.38
N MET A 47 20.14 -12.93 4.38
CA MET A 47 20.79 -11.62 4.55
CA MET A 47 20.75 -11.63 4.61
C MET A 47 19.79 -10.45 4.37
C MET A 47 19.72 -10.52 4.40
N VAL A 48 19.46 -9.75 5.46
CA VAL A 48 18.52 -8.65 5.44
C VAL A 48 19.24 -7.33 5.68
N LYS A 49 19.12 -6.42 4.71
CA LYS A 49 19.74 -5.11 4.79
C LYS A 49 19.02 -4.24 5.80
N MET A 50 19.74 -3.81 6.84
CA MET A 50 19.15 -2.94 7.85
C MET A 50 19.27 -1.46 7.41
N GLU A 51 18.44 -0.60 8.00
CA GLU A 51 18.48 0.84 7.78
C GLU A 51 18.92 1.48 9.09
N PRO A 52 19.54 2.68 9.04
CA PRO A 52 20.00 3.31 10.29
C PRO A 52 18.86 3.66 11.26
N ASP A 53 17.64 3.89 10.72
CA ASP A 53 16.46 4.27 11.50
C ASP A 53 15.71 3.11 12.14
N ASP A 54 16.01 1.86 11.76
CA ASP A 54 15.32 0.68 12.30
C ASP A 54 15.57 0.46 13.80
N ASP A 55 14.49 0.23 14.56
CA ASP A 55 14.60 0.01 16.01
C ASP A 55 15.14 -1.36 16.38
N VAL A 56 16.15 -1.39 17.24
CA VAL A 56 16.73 -2.65 17.70
C VAL A 56 15.73 -3.39 18.61
N SER A 57 14.89 -2.66 19.38
CA SER A 57 13.87 -3.24 20.25
C SER A 57 12.90 -4.08 19.43
N THR A 58 12.42 -3.54 18.29
CA THR A 58 11.49 -4.27 17.43
C THR A 58 12.17 -5.52 16.87
N LEU A 59 13.44 -5.40 16.47
CA LEU A 59 14.20 -6.55 15.99
C LEU A 59 14.34 -7.65 17.05
N GLN A 60 14.63 -7.27 18.30
CA GLN A 60 14.77 -8.24 19.39
C GLN A 60 13.43 -8.88 19.72
N LYS A 61 12.34 -8.14 19.58
CA LYS A 61 11.03 -8.70 19.82
C LYS A 61 10.70 -9.73 18.75
N GLU A 62 10.89 -9.36 17.50
CA GLU A 62 10.60 -10.26 16.40
C GLU A 62 11.48 -11.50 16.43
N ILE A 63 12.76 -11.32 16.72
CA ILE A 63 13.69 -12.45 16.77
C ILE A 63 13.45 -13.37 17.96
N LEU A 64 12.89 -12.85 19.03
CA LEU A 64 12.62 -13.68 20.21
C LEU A 64 11.40 -14.57 19.96
N ILE A 65 10.35 -13.99 19.36
CA ILE A 65 9.12 -14.72 19.02
C ILE A 65 9.38 -15.71 17.89
N LEU A 66 10.27 -15.36 16.97
CA LEU A 66 10.63 -16.26 15.87
C LEU A 66 11.30 -17.52 16.43
N LYS A 67 12.13 -17.34 17.44
CA LYS A 67 12.86 -18.41 18.11
C LYS A 67 11.92 -19.37 18.85
N THR A 68 10.88 -18.84 19.51
CA THR A 68 9.91 -19.67 20.26
C THR A 68 8.70 -20.11 19.37
N CYS A 69 8.67 -19.73 18.08
CA CYS A 69 7.59 -20.13 17.18
C CYS A 69 7.88 -21.49 16.49
N ARG A 70 8.17 -22.51 17.29
CA ARG A 70 8.46 -23.84 16.77
C ARG A 70 7.21 -24.66 16.31
N HIS A 71 7.23 -25.09 15.05
CA HIS A 71 6.20 -25.93 14.45
C HIS A 71 6.86 -26.73 13.32
N ALA A 72 6.52 -28.03 13.19
CA ALA A 72 7.10 -28.90 12.17
C ALA A 72 6.93 -28.40 10.72
N ASN A 73 5.85 -27.68 10.39
CA ASN A 73 5.65 -27.16 9.03
C ASN A 73 6.22 -25.73 8.82
N ILE A 74 7.05 -25.27 9.75
CA ILE A 74 7.69 -23.95 9.63
C ILE A 74 9.19 -24.19 9.63
N VAL A 75 9.91 -23.60 8.66
CA VAL A 75 11.38 -23.65 8.51
C VAL A 75 12.03 -23.30 9.89
N ALA A 76 12.84 -24.20 10.40
CA ALA A 76 13.52 -24.10 11.70
C ALA A 76 14.46 -22.91 11.79
N TYR A 77 14.45 -22.23 12.92
CA TYR A 77 15.32 -21.08 13.18
C TYR A 77 16.53 -21.54 14.01
N HIS A 78 17.75 -21.28 13.52
CA HIS A 78 18.99 -21.68 14.19
C HIS A 78 19.80 -20.54 14.80
N GLY A 79 19.21 -19.36 14.93
CA GLY A 79 19.94 -18.20 15.45
C GLY A 79 20.13 -17.12 14.40
N SER A 80 20.64 -15.97 14.82
CA SER A 80 20.83 -14.83 13.93
C SER A 80 22.09 -14.04 14.25
N TYR A 81 22.65 -13.38 13.25
CA TYR A 81 23.86 -12.57 13.37
C TYR A 81 23.54 -11.13 12.98
N LEU A 82 24.17 -10.17 13.67
CA LEU A 82 23.98 -8.77 13.36
C LEU A 82 25.37 -8.21 13.18
N TRP A 83 25.73 -7.91 11.93
CA TRP A 83 27.07 -7.45 11.63
C TRP A 83 27.07 -6.45 10.48
N LEU A 84 27.59 -5.22 10.75
CA LEU A 84 27.73 -4.14 9.77
C LEU A 84 26.43 -3.81 9.01
N GLN A 85 25.37 -3.44 9.75
CA GLN A 85 24.07 -3.06 9.16
C GLN A 85 23.38 -4.22 8.40
N LYS A 86 23.75 -5.46 8.72
CA LYS A 86 23.18 -6.63 8.05
C LYS A 86 22.74 -7.65 9.08
N LEU A 87 21.48 -8.08 8.98
CA LEU A 87 20.97 -9.12 9.85
C LEU A 87 20.97 -10.42 9.05
N TRP A 88 21.60 -11.46 9.58
CA TRP A 88 21.64 -12.74 8.92
C TRP A 88 20.83 -13.71 9.76
N ILE A 89 19.79 -14.30 9.17
CA ILE A 89 18.97 -15.28 9.89
C ILE A 89 19.37 -16.66 9.42
N CYS A 90 19.82 -17.49 10.36
CA CYS A 90 20.26 -18.84 10.04
C CYS A 90 19.08 -19.81 10.21
N MET A 91 18.77 -20.57 9.15
CA MET A 91 17.63 -21.48 9.11
C MET A 91 18.01 -22.86 8.59
N GLU A 92 17.09 -23.85 8.76
CA GLU A 92 17.29 -25.18 8.21
C GLU A 92 17.26 -25.08 6.67
N PHE A 93 18.17 -25.81 6.00
CA PHE A 93 18.22 -25.86 4.56
C PHE A 93 17.28 -26.98 4.03
N CYS A 94 16.42 -26.65 3.05
CA CYS A 94 15.48 -27.61 2.43
C CYS A 94 16.03 -27.89 1.06
N GLY A 95 16.71 -29.02 0.92
CA GLY A 95 17.47 -29.43 -0.26
C GLY A 95 16.81 -29.40 -1.63
N ALA A 96 15.47 -29.54 -1.70
CA ALA A 96 14.78 -29.54 -3.00
C ALA A 96 14.30 -28.16 -3.46
N GLY A 97 14.35 -27.16 -2.59
CA GLY A 97 13.89 -25.84 -2.94
C GLY A 97 12.37 -25.74 -2.88
N SER A 98 11.81 -24.83 -3.64
CA SER A 98 10.39 -24.57 -3.63
C SER A 98 9.60 -25.49 -4.58
N LEU A 99 8.27 -25.54 -4.40
CA LEU A 99 7.42 -26.31 -5.30
C LEU A 99 7.46 -25.70 -6.71
N GLN A 100 7.71 -24.38 -6.86
CA GLN A 100 7.83 -23.77 -8.18
C GLN A 100 9.11 -24.29 -8.86
N ASP A 101 10.22 -24.38 -8.10
CA ASP A 101 11.48 -24.94 -8.61
C ASP A 101 11.27 -26.38 -9.07
N ILE A 102 10.51 -27.17 -8.31
CA ILE A 102 10.23 -28.56 -8.64
C ILE A 102 9.28 -28.73 -9.85
N TYR A 103 8.09 -28.09 -9.84
CA TYR A 103 7.13 -28.28 -10.92
C TYR A 103 7.65 -27.74 -12.27
N GLN A 104 8.63 -26.82 -12.26
CA GLN A 104 9.23 -26.32 -13.51
C GLN A 104 10.03 -27.40 -14.25
N VAL A 105 10.33 -28.53 -13.59
CA VAL A 105 11.04 -29.65 -14.15
C VAL A 105 10.11 -30.87 -14.27
N THR A 106 9.30 -31.13 -13.23
CA THR A 106 8.44 -32.30 -13.16
C THR A 106 7.11 -32.16 -13.85
N GLY A 107 6.65 -30.93 -14.04
CA GLY A 107 5.31 -30.71 -14.56
C GLY A 107 4.30 -30.77 -13.41
N SER A 108 3.02 -30.73 -13.73
CA SER A 108 1.95 -30.67 -12.76
C SER A 108 1.96 -31.80 -11.70
N LEU A 109 1.53 -31.48 -10.48
CA LEU A 109 1.48 -32.46 -9.40
C LEU A 109 0.17 -33.25 -9.50
N SER A 110 0.16 -34.45 -8.96
CA SER A 110 -1.05 -35.28 -8.90
C SER A 110 -1.99 -34.69 -7.80
N GLU A 111 -3.27 -35.10 -7.81
CA GLU A 111 -4.21 -34.62 -6.81
C GLU A 111 -3.78 -35.05 -5.39
N LEU A 112 -3.26 -36.29 -5.24
CA LEU A 112 -2.81 -36.75 -3.92
C LEU A 112 -1.63 -35.95 -3.44
N GLN A 113 -0.67 -35.63 -4.32
CA GLN A 113 0.47 -34.78 -3.95
C GLN A 113 0.03 -33.40 -3.50
N ILE A 114 -0.95 -32.79 -4.23
CA ILE A 114 -1.47 -31.47 -3.87
C ILE A 114 -2.22 -31.56 -2.54
N SER A 115 -2.97 -32.66 -2.30
CA SER A 115 -3.71 -32.82 -1.05
C SER A 115 -2.76 -32.83 0.15
N TYR A 116 -1.64 -33.55 0.02
CA TYR A 116 -0.63 -33.62 1.08
C TYR A 116 0.02 -32.22 1.28
N VAL A 117 0.40 -31.54 0.20
CA VAL A 117 0.99 -30.20 0.29
C VAL A 117 0.02 -29.24 1.01
N CYS A 118 -1.26 -29.24 0.60
CA CYS A 118 -2.28 -28.38 1.19
C CYS A 118 -2.49 -28.65 2.68
N ARG A 119 -2.54 -29.94 3.07
CA ARG A 119 -2.70 -30.30 4.48
C ARG A 119 -1.50 -29.77 5.30
N GLU A 120 -0.27 -29.98 4.83
CA GLU A 120 0.93 -29.52 5.53
C GLU A 120 0.99 -27.98 5.61
N VAL A 121 0.62 -27.29 4.53
CA VAL A 121 0.58 -25.83 4.52
C VAL A 121 -0.46 -25.30 5.51
N LEU A 122 -1.67 -25.95 5.54
CA LEU A 122 -2.78 -25.61 6.45
C LEU A 122 -2.36 -25.82 7.91
N GLN A 123 -1.57 -26.86 8.20
CA GLN A 123 -1.04 -27.07 9.56
C GLN A 123 -0.13 -25.90 9.98
N GLY A 124 0.76 -25.49 9.08
CA GLY A 124 1.66 -24.36 9.28
C GLY A 124 0.89 -23.05 9.44
N LEU A 125 -0.14 -22.84 8.59
CA LEU A 125 -0.99 -21.65 8.65
C LEU A 125 -1.83 -21.61 9.95
N ALA A 126 -2.37 -22.75 10.41
CA ALA A 126 -3.12 -22.82 11.67
C ALA A 126 -2.21 -22.39 12.84
N TYR A 127 -0.96 -22.81 12.78
CA TYR A 127 0.02 -22.42 13.78
C TYR A 127 0.28 -20.89 13.72
N LEU A 128 0.63 -20.33 12.55
CA LEU A 128 0.89 -18.89 12.42
C LEU A 128 -0.30 -18.05 12.87
N HIS A 129 -1.50 -18.39 12.39
CA HIS A 129 -2.71 -17.65 12.75
C HIS A 129 -3.00 -17.75 14.25
N SER A 130 -2.65 -18.87 14.91
CA SER A 130 -2.85 -18.98 16.37
C SER A 130 -1.91 -18.02 17.15
N GLN A 131 -0.75 -17.69 16.56
CA GLN A 131 0.25 -16.76 17.09
C GLN A 131 0.01 -15.31 16.61
N LYS A 132 -1.18 -15.02 16.04
CA LYS A 132 -1.64 -13.76 15.49
C LYS A 132 -0.71 -13.25 14.38
N LYS A 133 -0.22 -14.18 13.56
CA LYS A 133 0.62 -13.84 12.42
C LYS A 133 -0.10 -14.12 11.09
N ILE A 134 0.32 -13.42 10.03
CA ILE A 134 -0.22 -13.61 8.68
C ILE A 134 0.99 -13.86 7.79
N HIS A 135 0.95 -14.93 6.99
CA HIS A 135 2.05 -15.26 6.09
C HIS A 135 2.16 -14.20 4.99
N ARG A 136 1.00 -13.82 4.40
CA ARG A 136 0.85 -12.81 3.35
C ARG A 136 1.35 -13.21 1.95
N ASP A 137 2.17 -14.28 1.83
CA ASP A 137 2.67 -14.64 0.51
C ASP A 137 2.66 -16.15 0.22
N ILE A 138 1.51 -16.81 0.39
CA ILE A 138 1.39 -18.23 0.09
C ILE A 138 1.37 -18.38 -1.45
N LYS A 139 2.30 -19.17 -1.97
CA LYS A 139 2.48 -19.45 -3.39
C LYS A 139 3.50 -20.55 -3.50
N GLY A 140 3.57 -21.22 -4.65
CA GLY A 140 4.49 -22.33 -4.89
C GLY A 140 5.92 -21.99 -4.58
N ALA A 141 6.35 -20.77 -4.96
CA ALA A 141 7.70 -20.25 -4.71
C ALA A 141 8.03 -20.15 -3.22
N ASN A 142 7.02 -20.04 -2.35
CA ASN A 142 7.27 -19.91 -0.92
C ASN A 142 7.00 -21.18 -0.10
N ILE A 143 6.75 -22.32 -0.77
CA ILE A 143 6.55 -23.59 -0.07
C ILE A 143 7.77 -24.42 -0.30
N LEU A 144 8.53 -24.68 0.74
CA LEU A 144 9.78 -25.42 0.63
C LEU A 144 9.64 -26.93 0.88
N ILE A 145 10.43 -27.71 0.14
CA ILE A 145 10.46 -29.13 0.27
C ILE A 145 11.87 -29.59 0.62
N ASN A 146 12.02 -30.41 1.66
CA ASN A 146 13.34 -30.96 1.98
C ASN A 146 13.53 -32.32 1.29
N ASP A 147 14.75 -32.89 1.32
CA ASP A 147 14.99 -34.19 0.66
C ASP A 147 14.15 -35.35 1.27
N ALA A 148 13.60 -35.15 2.48
CA ALA A 148 12.72 -36.14 3.11
C ALA A 148 11.24 -36.09 2.59
N GLY A 149 10.94 -35.16 1.69
CA GLY A 149 9.58 -35.01 1.17
C GLY A 149 8.68 -34.23 2.11
N GLU A 150 9.28 -33.53 3.11
CA GLU A 150 8.53 -32.72 4.07
C GLU A 150 8.27 -31.32 3.56
N VAL A 151 7.20 -30.70 4.06
CA VAL A 151 6.70 -29.40 3.64
C VAL A 151 6.90 -28.34 4.70
N ARG A 152 7.55 -27.22 4.32
CA ARG A 152 7.83 -26.11 5.21
C ARG A 152 7.48 -24.77 4.61
N LEU A 153 7.01 -23.86 5.46
CA LEU A 153 6.76 -22.46 5.17
C LEU A 153 7.87 -21.68 5.93
N ALA A 154 8.41 -20.59 5.38
CA ALA A 154 9.39 -19.78 6.12
C ALA A 154 8.66 -18.69 6.95
N ASP A 155 9.11 -18.47 8.19
CA ASP A 155 8.51 -17.47 9.08
C ASP A 155 9.12 -16.07 8.83
N PHE A 156 8.32 -15.15 8.27
CA PHE A 156 8.77 -13.79 8.01
C PHE A 156 8.34 -12.88 9.17
N ALA A 160 10.29 -8.16 6.40
CA ALA A 160 9.31 -7.28 5.76
C ALA A 160 8.97 -6.04 6.59
N GLN A 161 9.09 -6.13 7.92
CA GLN A 161 8.78 -5.00 8.80
C GLN A 161 10.04 -4.26 9.28
N ILE A 162 11.15 -4.37 8.51
CA ILE A 162 12.46 -3.75 8.73
C ILE A 162 13.11 -3.52 7.32
N GLY A 163 14.27 -2.86 7.29
CA GLY A 163 15.09 -2.64 6.12
C GLY A 163 14.45 -2.07 4.87
N ALA A 164 14.87 -2.59 3.71
CA ALA A 164 14.46 -2.13 2.39
C ALA A 164 13.00 -2.42 2.03
N GLU A 165 12.40 -3.49 2.60
CA GLU A 165 11.00 -3.80 2.30
C GLU A 165 10.05 -2.80 3.02
N LEU A 166 10.43 -2.41 4.24
CA LEU A 166 9.69 -1.43 5.02
C LEU A 166 9.88 -0.03 4.38
N ALA A 167 11.10 0.27 3.92
CA ALA A 167 11.41 1.53 3.26
C ALA A 167 10.57 1.71 2.01
N ARG A 168 10.42 0.63 1.23
CA ARG A 168 9.64 0.61 0.00
C ARG A 168 8.14 0.72 0.29
N ARG A 169 7.65 0.06 1.35
CA ARG A 169 6.23 0.15 1.73
C ARG A 169 5.85 1.56 2.20
N LEU A 170 6.75 2.23 2.91
CA LEU A 170 6.51 3.61 3.35
C LEU A 170 6.53 4.57 2.10
N GLU A 171 7.27 4.22 1.04
CA GLU A 171 7.31 4.98 -0.20
C GLU A 171 5.99 4.80 -1.00
N PHE A 172 5.32 3.66 -0.84
CA PHE A 172 4.04 3.42 -1.52
C PHE A 172 2.94 4.19 -0.82
N ILE A 173 2.95 4.17 0.52
CA ILE A 173 2.00 4.86 1.38
C ILE A 173 2.03 6.40 1.19
N GLY A 174 3.23 6.97 0.97
CA GLY A 174 3.41 8.41 0.83
C GLY A 174 3.65 9.11 2.17
N THR A 175 3.72 10.45 2.21
CA THR A 175 3.86 11.18 3.48
C THR A 175 2.62 10.93 4.33
N PRO A 176 2.79 10.60 5.62
CA PRO A 176 1.61 10.34 6.45
C PRO A 176 1.13 11.55 7.26
N TYR A 177 1.82 12.71 7.21
CA TYR A 177 1.54 13.84 8.09
C TYR A 177 0.11 14.38 8.03
N TRP A 178 -0.52 14.35 6.86
CA TRP A 178 -1.89 14.87 6.72
C TRP A 178 -2.97 13.77 6.76
N MET A 179 -2.57 12.49 6.90
CA MET A 179 -3.50 11.36 6.95
C MET A 179 -4.30 11.29 8.22
N ALA A 180 -5.63 11.08 8.09
CA ALA A 180 -6.54 10.83 9.22
C ALA A 180 -6.11 9.47 9.86
N PRO A 181 -6.37 9.22 11.16
CA PRO A 181 -5.91 7.94 11.76
C PRO A 181 -6.44 6.68 11.09
N GLU A 182 -7.72 6.70 10.67
CA GLU A 182 -8.31 5.56 9.98
C GLU A 182 -7.68 5.32 8.60
N VAL A 183 -7.06 6.33 7.98
CA VAL A 183 -6.33 6.15 6.72
C VAL A 183 -4.98 5.52 7.03
N ALA A 184 -4.31 5.98 8.11
CA ALA A 184 -3.03 5.46 8.54
C ALA A 184 -3.14 3.96 8.92
N ALA A 185 -4.25 3.57 9.58
CA ALA A 185 -4.53 2.20 10.03
C ALA A 185 -4.71 1.28 8.84
N VAL A 186 -5.38 1.74 7.79
CA VAL A 186 -5.54 0.94 6.57
C VAL A 186 -4.22 0.87 5.80
N ALA A 187 -3.43 1.95 5.82
CA ALA A 187 -2.11 1.94 5.18
C ALA A 187 -1.12 0.99 5.90
N LEU A 188 -1.33 0.74 7.22
CA LEU A 188 -0.45 -0.18 7.94
C LEU A 188 -0.82 -1.63 7.60
N LYS A 189 -2.11 -1.98 7.81
CA LYS A 189 -2.70 -3.30 7.58
C LYS A 189 -2.64 -3.72 6.09
N GLY A 190 -3.08 -2.82 5.20
CA GLY A 190 -3.05 -2.98 3.76
C GLY A 190 -3.97 -4.03 3.20
N GLY A 191 -5.07 -4.27 3.88
CA GLY A 191 -6.02 -5.28 3.43
C GLY A 191 -5.75 -6.68 3.93
N TYR A 192 -4.50 -6.97 4.34
CA TYR A 192 -4.16 -8.28 4.87
C TYR A 192 -4.84 -8.61 6.18
N ASN A 193 -5.52 -9.74 6.16
CA ASN A 193 -6.15 -10.40 7.30
C ASN A 193 -5.73 -11.90 7.22
N GLU A 194 -5.83 -12.67 8.32
CA GLU A 194 -5.36 -14.06 8.31
C GLU A 194 -6.01 -14.91 7.21
N LEU A 195 -7.31 -14.67 6.89
CA LEU A 195 -8.01 -15.46 5.86
C LEU A 195 -7.49 -15.20 4.42
N CYS A 196 -6.64 -14.19 4.22
N CYS A 196 -6.64 -14.19 4.23
CA CYS A 196 -6.05 -13.95 2.91
CA CYS A 196 -6.00 -13.93 2.94
C CYS A 196 -5.07 -15.10 2.52
C CYS A 196 -5.08 -15.10 2.53
N ASP A 197 -4.47 -15.77 3.52
CA ASP A 197 -3.58 -16.92 3.29
C ASP A 197 -4.39 -18.15 2.80
N ILE A 198 -5.67 -18.26 3.19
CA ILE A 198 -6.56 -19.34 2.78
C ILE A 198 -6.92 -19.17 1.30
N TRP A 199 -7.20 -17.91 0.87
CA TRP A 199 -7.47 -17.64 -0.54
C TRP A 199 -6.20 -17.96 -1.35
N SER A 200 -5.03 -17.51 -0.88
CA SER A 200 -3.75 -17.74 -1.53
C SER A 200 -3.39 -19.22 -1.66
N LEU A 201 -3.81 -20.06 -0.68
CA LEU A 201 -3.57 -21.49 -0.76
C LEU A 201 -4.44 -22.11 -1.86
N GLY A 202 -5.68 -21.66 -1.98
CA GLY A 202 -6.58 -22.14 -3.03
C GLY A 202 -6.02 -21.78 -4.40
N ILE A 203 -5.40 -20.58 -4.56
CA ILE A 203 -4.77 -20.21 -5.84
C ILE A 203 -3.55 -21.09 -6.07
N THR A 204 -2.73 -21.31 -5.02
CA THR A 204 -1.54 -22.17 -5.07
C THR A 204 -1.91 -23.62 -5.48
N ALA A 205 -3.05 -24.14 -5.00
CA ALA A 205 -3.48 -25.49 -5.36
C ALA A 205 -3.74 -25.57 -6.87
N ILE A 206 -4.33 -24.50 -7.47
CA ILE A 206 -4.55 -24.45 -8.92
C ILE A 206 -3.20 -24.34 -9.62
N GLU A 207 -2.28 -23.53 -9.07
CA GLU A 207 -0.91 -23.36 -9.56
C GLU A 207 -0.14 -24.69 -9.64
N LEU A 208 -0.22 -25.53 -8.61
CA LEU A 208 0.44 -26.83 -8.60
C LEU A 208 -0.19 -27.81 -9.60
N ALA A 209 -1.51 -27.66 -9.83
CA ALA A 209 -2.23 -28.52 -10.75
C ALA A 209 -2.04 -28.11 -12.21
N GLU A 210 -1.82 -26.81 -12.48
CA GLU A 210 -1.78 -26.30 -13.85
C GLU A 210 -0.48 -25.59 -14.28
N LEU A 211 0.52 -25.44 -13.37
CA LEU A 211 1.85 -24.79 -13.55
C LEU A 211 1.78 -23.24 -13.60
N GLN A 212 0.60 -22.67 -13.44
CA GLN A 212 0.40 -21.23 -13.40
C GLN A 212 -0.80 -20.97 -12.51
N PRO A 213 -0.83 -19.80 -11.82
CA PRO A 213 -2.06 -19.40 -11.15
C PRO A 213 -3.09 -18.96 -12.22
N PRO A 214 -4.38 -18.90 -11.86
CA PRO A 214 -5.39 -18.41 -12.81
C PRO A 214 -5.09 -16.97 -13.27
N LEU A 215 -5.47 -16.66 -14.51
CA LEU A 215 -5.31 -15.34 -15.13
C LEU A 215 -3.86 -14.92 -15.30
N PHE A 216 -2.90 -15.87 -15.28
CA PHE A 216 -1.47 -15.54 -15.40
C PHE A 216 -1.12 -14.78 -16.66
N ASP A 217 -1.87 -15.01 -17.72
CA ASP A 217 -1.67 -14.36 -19.01
C ASP A 217 -2.45 -13.04 -19.16
N VAL A 218 -3.17 -12.60 -18.14
CA VAL A 218 -3.95 -11.37 -18.16
C VAL A 218 -3.18 -10.27 -17.43
N HIS A 219 -3.20 -9.03 -17.97
CA HIS A 219 -2.51 -7.87 -17.41
C HIS A 219 -2.90 -7.68 -15.94
N PRO A 220 -1.89 -7.44 -15.06
CA PRO A 220 -2.18 -7.27 -13.62
C PRO A 220 -3.22 -6.22 -13.25
N LEU A 221 -3.26 -5.05 -13.98
CA LEU A 221 -4.24 -4.02 -13.68
C LEU A 221 -5.63 -4.53 -13.97
N ARG A 222 -5.81 -5.24 -15.08
CA ARG A 222 -7.07 -5.84 -15.45
C ARG A 222 -7.52 -6.82 -14.38
N VAL A 223 -6.59 -7.65 -13.88
CA VAL A 223 -6.87 -8.62 -12.84
C VAL A 223 -7.36 -7.91 -11.57
N LEU A 224 -6.59 -6.90 -11.10
CA LEU A 224 -6.93 -6.09 -9.93
C LEU A 224 -8.32 -5.47 -10.10
N PHE A 225 -8.59 -4.88 -11.28
CA PHE A 225 -9.87 -4.27 -11.56
C PHE A 225 -11.03 -5.24 -11.45
N LEU A 226 -10.93 -6.43 -12.10
CA LEU A 226 -12.00 -7.44 -12.07
C LEU A 226 -12.27 -7.90 -10.64
N MET A 227 -11.18 -8.08 -9.85
CA MET A 227 -11.26 -8.53 -8.46
C MET A 227 -12.08 -7.58 -7.58
N THR A 228 -11.97 -6.28 -7.86
CA THR A 228 -12.67 -5.24 -7.11
C THR A 228 -14.06 -4.86 -7.65
N LYS A 229 -14.57 -5.61 -8.63
CA LYS A 229 -15.87 -5.32 -9.20
C LYS A 229 -16.95 -6.20 -8.54
N SER A 230 -18.12 -5.60 -8.26
CA SER A 230 -19.27 -6.30 -7.68
C SER A 230 -19.77 -7.42 -8.61
N GLY A 231 -19.43 -8.66 -8.28
CA GLY A 231 -19.84 -9.81 -9.08
C GLY A 231 -18.69 -10.60 -9.68
N TYR A 232 -17.47 -10.41 -9.14
CA TYR A 232 -16.27 -11.11 -9.55
C TYR A 232 -16.46 -12.61 -9.40
N GLN A 233 -15.96 -13.40 -10.38
CA GLN A 233 -16.07 -14.84 -10.28
C GLN A 233 -14.73 -15.37 -9.81
N PRO A 234 -14.70 -16.00 -8.62
CA PRO A 234 -13.44 -16.60 -8.17
C PRO A 234 -13.00 -17.70 -9.15
N PRO A 235 -11.69 -17.81 -9.39
CA PRO A 235 -11.22 -18.81 -10.36
C PRO A 235 -11.52 -20.27 -10.00
N ARG A 236 -11.36 -21.17 -10.98
CA ARG A 236 -11.64 -22.59 -10.85
C ARG A 236 -10.59 -23.40 -11.60
N LEU A 237 -10.53 -24.73 -11.36
CA LEU A 237 -9.66 -25.61 -12.11
C LEU A 237 -10.17 -25.70 -13.57
N LYS A 238 -9.26 -25.74 -14.54
CA LYS A 238 -9.55 -25.74 -15.97
C LYS A 238 -10.16 -27.05 -16.50
N GLU A 239 -9.56 -28.21 -16.18
CA GLU A 239 -10.06 -29.50 -16.63
C GLU A 239 -10.93 -30.11 -15.53
N LYS A 240 -12.25 -30.09 -15.67
CA LYS A 240 -13.16 -30.64 -14.66
C LYS A 240 -12.97 -32.16 -14.40
N GLY A 241 -13.06 -33.00 -15.46
CA GLY A 241 -12.94 -34.45 -15.35
C GLY A 241 -11.66 -34.99 -14.71
N LYS A 242 -10.55 -34.26 -14.85
CA LYS A 242 -9.24 -34.66 -14.31
C LYS A 242 -9.20 -34.69 -12.77
N TRP A 243 -10.05 -33.89 -12.12
CA TRP A 243 -10.02 -33.75 -10.67
C TRP A 243 -11.27 -34.24 -9.95
N SER A 244 -11.11 -34.80 -8.75
CA SER A 244 -12.25 -35.30 -7.99
C SER A 244 -13.19 -34.16 -7.53
N ALA A 245 -14.41 -34.50 -7.13
CA ALA A 245 -15.38 -33.55 -6.59
C ALA A 245 -14.81 -32.89 -5.32
N ALA A 246 -14.05 -33.65 -4.50
CA ALA A 246 -13.43 -33.10 -3.30
C ALA A 246 -12.41 -31.99 -3.63
N PHE A 247 -11.62 -32.16 -4.70
CA PHE A 247 -10.66 -31.13 -5.11
C PHE A 247 -11.38 -29.86 -5.63
N HIS A 248 -12.46 -30.03 -6.45
CA HIS A 248 -13.21 -28.88 -6.92
C HIS A 248 -13.84 -28.13 -5.73
N ASN A 249 -14.40 -28.87 -4.75
CA ASN A 249 -14.98 -28.25 -3.55
C ASN A 249 -13.95 -27.51 -2.67
N PHE A 250 -12.72 -28.06 -2.54
CA PHE A 250 -11.63 -27.44 -1.77
C PHE A 250 -11.32 -26.07 -2.40
N ILE A 251 -11.20 -26.04 -3.75
CA ILE A 251 -10.95 -24.79 -4.46
C ILE A 251 -12.14 -23.82 -4.25
N LYS A 252 -13.36 -24.33 -4.33
CA LYS A 252 -14.57 -23.53 -4.13
C LYS A 252 -14.63 -22.83 -2.75
N VAL A 253 -14.42 -23.56 -1.63
CA VAL A 253 -14.51 -22.97 -0.30
C VAL A 253 -13.29 -22.09 0.02
N THR A 254 -12.04 -22.48 -0.36
CA THR A 254 -10.89 -21.62 -0.08
C THR A 254 -11.00 -20.29 -0.88
N LEU A 255 -11.58 -20.34 -2.08
CA LEU A 255 -11.74 -19.15 -2.88
C LEU A 255 -13.12 -18.49 -2.66
N THR A 256 -13.53 -18.40 -1.39
CA THR A 256 -14.77 -17.72 -1.04
C THR A 256 -14.45 -16.23 -1.08
N LYS A 257 -15.17 -15.46 -1.92
CA LYS A 257 -14.94 -14.03 -2.10
C LYS A 257 -14.98 -13.20 -0.82
N SER A 258 -16.03 -13.37 -0.03
CA SER A 258 -16.18 -12.63 1.21
C SER A 258 -15.30 -13.25 2.31
N PRO A 259 -14.41 -12.46 2.92
CA PRO A 259 -13.58 -13.00 4.01
C PRO A 259 -14.41 -13.42 5.23
N LYS A 260 -15.58 -12.79 5.44
CA LYS A 260 -16.48 -13.15 6.54
C LYS A 260 -17.03 -14.59 6.38
N LYS A 261 -17.03 -15.14 5.16
CA LYS A 261 -17.51 -16.49 4.90
C LYS A 261 -16.39 -17.50 4.57
N ARG A 262 -15.15 -17.03 4.31
CA ARG A 262 -14.02 -17.90 3.99
C ARG A 262 -13.63 -18.70 5.22
N PRO A 263 -13.48 -20.03 5.08
CA PRO A 263 -13.11 -20.85 6.24
C PRO A 263 -11.70 -20.59 6.78
N SER A 264 -11.54 -20.77 8.07
CA SER A 264 -10.25 -20.63 8.74
C SER A 264 -9.34 -21.82 8.41
N ALA A 265 -8.05 -21.75 8.76
CA ALA A 265 -7.13 -22.87 8.54
C ALA A 265 -7.57 -24.11 9.31
N THR A 266 -8.00 -23.97 10.58
N THR A 266 -8.00 -23.99 10.60
CA THR A 266 -8.45 -25.10 11.40
CA THR A 266 -8.44 -25.17 11.37
C THR A 266 -9.67 -25.77 10.79
C THR A 266 -9.68 -25.80 10.77
N LYS A 267 -10.61 -24.97 10.25
CA LYS A 267 -11.80 -25.48 9.60
C LYS A 267 -11.40 -26.23 8.29
N MET A 268 -10.49 -25.63 7.51
CA MET A 268 -10.02 -26.23 6.27
C MET A 268 -9.34 -27.59 6.51
N LEU A 269 -8.72 -27.77 7.69
CA LEU A 269 -8.07 -29.02 8.06
C LEU A 269 -9.06 -30.19 8.25
N SER A 270 -10.37 -29.90 8.38
CA SER A 270 -11.40 -30.93 8.46
C SER A 270 -12.04 -31.22 7.08
N HIS A 271 -11.64 -30.50 6.00
CA HIS A 271 -12.18 -30.71 4.65
C HIS A 271 -11.80 -32.12 4.14
N GLN A 272 -12.70 -32.75 3.39
CA GLN A 272 -12.47 -34.07 2.83
C GLN A 272 -11.12 -34.24 2.11
N LEU A 273 -10.74 -33.24 1.28
CA LEU A 273 -9.49 -33.32 0.51
C LEU A 273 -8.23 -33.52 1.36
N VAL A 274 -8.10 -32.81 2.47
CA VAL A 274 -6.91 -32.91 3.33
C VAL A 274 -7.08 -33.86 4.52
N SER A 275 -8.29 -34.42 4.70
CA SER A 275 -8.57 -35.39 5.76
C SER A 275 -8.41 -36.85 5.31
N GLN A 276 -8.30 -37.09 4.00
CA GLN A 276 -8.24 -38.43 3.45
C GLN A 276 -7.03 -39.24 3.92
N PRO A 277 -7.19 -40.58 4.03
CA PRO A 277 -6.04 -41.40 4.42
C PRO A 277 -5.00 -41.49 3.29
N GLY A 278 -3.79 -41.91 3.63
CA GLY A 278 -2.74 -42.05 2.63
C GLY A 278 -1.98 -40.78 2.24
N LEU A 279 -2.19 -39.67 2.98
CA LEU A 279 -1.43 -38.46 2.68
C LEU A 279 -0.16 -38.49 3.52
N ASN A 280 0.98 -38.72 2.87
CA ASN A 280 2.27 -38.77 3.59
C ASN A 280 3.43 -38.35 2.69
N ARG A 281 4.59 -38.11 3.28
CA ARG A 281 5.78 -37.63 2.56
C ARG A 281 6.25 -38.52 1.41
N GLY A 282 5.80 -39.79 1.40
CA GLY A 282 6.09 -40.73 0.32
C GLY A 282 5.60 -40.22 -1.01
N LEU A 283 4.47 -39.48 -1.01
CA LEU A 283 3.95 -38.88 -2.25
C LEU A 283 4.95 -37.88 -2.86
N ILE A 284 5.66 -37.14 -1.99
CA ILE A 284 6.63 -36.15 -2.44
C ILE A 284 7.98 -36.76 -2.75
N LEU A 285 8.34 -37.86 -2.08
CA LEU A 285 9.55 -38.63 -2.43
C LEU A 285 9.41 -39.15 -3.89
N ASP A 286 8.18 -39.53 -4.30
CA ASP A 286 7.87 -39.95 -5.68
C ASP A 286 8.08 -38.76 -6.62
N LEU A 287 7.62 -37.56 -6.23
CA LEU A 287 7.78 -36.34 -7.01
C LEU A 287 9.27 -36.01 -7.19
N LEU A 288 10.05 -36.17 -6.12
CA LEU A 288 11.49 -35.88 -6.15
C LEU A 288 12.24 -36.86 -7.03
N ASP A 289 11.79 -38.12 -7.08
CA ASP A 289 12.36 -39.14 -7.95
C ASP A 289 12.15 -38.70 -9.42
N LYS A 290 10.96 -38.20 -9.75
CA LYS A 290 10.63 -37.72 -11.08
C LYS A 290 11.52 -36.52 -11.49
N LEU A 291 11.92 -35.71 -10.53
CA LEU A 291 12.79 -34.56 -10.70
C LEU A 291 14.19 -35.01 -11.12
N LYS A 292 14.69 -36.10 -10.50
CA LYS A 292 16.01 -36.66 -10.84
C LYS A 292 16.03 -37.23 -12.25
N ASN A 293 15.07 -38.11 -12.59
CA ASN A 293 14.95 -38.72 -13.92
C ASN A 293 13.49 -38.63 -14.38
N PRO A 294 13.19 -37.68 -15.31
CA PRO A 294 11.80 -37.48 -15.77
C PRO A 294 10.88 -38.70 -15.85
N PHE B 9 -10.20 14.99 -27.19
CA PHE B 9 -9.89 15.34 -28.59
C PHE B 9 -8.62 14.61 -29.08
N ASN B 10 -8.46 14.44 -30.41
CA ASN B 10 -7.26 13.78 -30.96
C ASN B 10 -6.47 14.77 -31.83
N ARG B 11 -6.06 15.88 -31.21
CA ARG B 11 -5.27 16.95 -31.82
C ARG B 11 -4.03 17.23 -30.97
N ASP B 12 -3.02 17.87 -31.58
CA ASP B 12 -1.82 18.24 -30.86
C ASP B 12 -2.13 19.54 -30.13
N PRO B 13 -1.97 19.60 -28.80
CA PRO B 13 -2.25 20.87 -28.10
C PRO B 13 -1.39 22.04 -28.58
N ARG B 14 -0.25 21.75 -29.25
CA ARG B 14 0.65 22.73 -29.89
C ARG B 14 -0.05 23.61 -30.93
N ASP B 15 -1.20 23.16 -31.45
CA ASP B 15 -1.96 23.92 -32.45
C ASP B 15 -2.89 24.97 -31.81
N HIS B 16 -3.26 24.77 -30.54
CA HIS B 16 -4.19 25.62 -29.83
C HIS B 16 -3.49 26.47 -28.75
N TYR B 17 -2.36 26.01 -28.21
CA TYR B 17 -1.67 26.72 -27.13
C TYR B 17 -0.17 26.95 -27.35
N ASP B 18 0.34 28.04 -26.76
CA ASP B 18 1.75 28.42 -26.76
C ASP B 18 2.31 28.06 -25.37
N LEU B 19 3.25 27.10 -25.32
CA LEU B 19 3.89 26.66 -24.08
C LEU B 19 4.75 27.77 -23.50
N LEU B 20 4.57 28.11 -22.23
CA LEU B 20 5.33 29.18 -21.60
C LEU B 20 6.46 28.65 -20.68
N GLN B 21 6.15 28.07 -19.51
CA GLN B 21 7.16 27.55 -18.60
C GLN B 21 6.68 26.27 -17.91
N ARG B 22 7.61 25.43 -17.43
CA ARG B 22 7.25 24.21 -16.71
C ARG B 22 6.93 24.60 -15.27
N LEU B 23 5.83 24.07 -14.73
CA LEU B 23 5.38 24.38 -13.38
C LEU B 23 5.80 23.31 -12.37
N GLY B 24 5.82 22.06 -12.80
CA GLY B 24 6.20 20.95 -11.94
C GLY B 24 6.04 19.59 -12.60
N GLY B 25 6.01 18.54 -11.80
CA GLY B 25 5.87 17.19 -12.30
C GLY B 25 6.46 16.12 -11.41
N GLY B 26 6.52 14.90 -11.92
CA GLY B 26 7.05 13.77 -11.18
C GLY B 26 6.53 12.45 -11.66
N GLY B 29 4.26 12.48 -15.02
CA GLY B 29 4.38 13.42 -16.14
C GLY B 29 4.77 14.83 -15.71
N GLU B 30 4.23 15.86 -16.39
CA GLU B 30 4.59 17.25 -16.08
C GLU B 30 3.45 18.24 -16.32
N VAL B 31 3.44 19.33 -15.57
CA VAL B 31 2.41 20.36 -15.70
C VAL B 31 3.08 21.62 -16.24
N PHE B 32 2.47 22.27 -17.23
CA PHE B 32 3.03 23.48 -17.82
C PHE B 32 2.07 24.66 -17.77
N LYS B 33 2.61 25.88 -17.91
CA LYS B 33 1.82 27.09 -18.06
C LYS B 33 1.74 27.34 -19.59
N ALA B 34 0.56 27.66 -20.13
CA ALA B 34 0.42 27.90 -21.58
C ALA B 34 -0.56 29.07 -21.89
N ARG B 35 -0.55 29.58 -23.15
CA ARG B 35 -1.44 30.69 -23.52
C ARG B 35 -2.24 30.38 -24.79
N ASP B 36 -3.47 30.86 -24.86
CA ASP B 36 -4.35 30.73 -26.02
C ASP B 36 -3.80 31.61 -27.13
N LYS B 37 -3.36 30.99 -28.23
CA LYS B 37 -2.76 31.64 -29.39
C LYS B 37 -3.61 32.74 -30.00
N VAL B 38 -4.92 32.69 -29.80
CA VAL B 38 -5.82 33.68 -30.41
C VAL B 38 -6.26 34.75 -29.41
N SER B 39 -6.87 34.34 -28.28
CA SER B 39 -7.37 35.30 -27.30
C SER B 39 -6.33 35.87 -26.34
N GLY B 40 -5.48 35.01 -25.80
CA GLY B 40 -4.48 35.43 -24.82
C GLY B 40 -4.78 34.94 -23.41
N ASP B 41 -5.76 34.04 -23.26
CA ASP B 41 -6.11 33.43 -21.97
C ASP B 41 -4.94 32.55 -21.52
N LEU B 42 -4.73 32.44 -20.21
CA LEU B 42 -3.68 31.55 -19.70
C LEU B 42 -4.30 30.26 -19.18
N VAL B 43 -3.62 29.12 -19.41
CA VAL B 43 -4.10 27.81 -18.93
C VAL B 43 -2.94 26.99 -18.29
N ALA B 44 -3.28 25.88 -17.61
CA ALA B 44 -2.34 24.91 -17.08
C ALA B 44 -2.57 23.63 -17.86
N LEU B 45 -1.53 23.07 -18.44
CA LEU B 45 -1.64 21.84 -19.23
C LEU B 45 -0.94 20.72 -18.49
N LYS B 46 -1.68 19.67 -18.12
CA LYS B 46 -1.08 18.53 -17.43
C LYS B 46 -0.81 17.42 -18.45
N MET B 47 0.47 17.18 -18.72
CA MET B 47 0.88 16.16 -19.66
C MET B 47 1.14 14.84 -18.94
N VAL B 48 0.30 13.84 -19.22
CA VAL B 48 0.36 12.52 -18.62
C VAL B 48 0.86 11.50 -19.66
N LEU B 59 -10.13 5.65 -19.32
CA LEU B 59 -9.84 7.06 -19.59
C LEU B 59 -11.11 7.85 -19.84
N GLN B 60 -12.06 7.22 -20.56
CA GLN B 60 -13.38 7.73 -20.96
C GLN B 60 -14.25 8.02 -19.74
N LYS B 61 -14.18 7.15 -18.73
CA LYS B 61 -14.93 7.26 -17.48
C LYS B 61 -14.29 8.29 -16.55
N GLU B 62 -12.97 8.34 -16.48
CA GLU B 62 -12.32 9.32 -15.62
C GLU B 62 -12.52 10.75 -16.15
N ILE B 63 -12.38 10.95 -17.46
CA ILE B 63 -12.53 12.26 -18.07
C ILE B 63 -13.97 12.76 -17.93
N LEU B 64 -14.96 11.87 -18.03
CA LEU B 64 -16.38 12.27 -17.95
C LEU B 64 -16.72 12.79 -16.55
N ILE B 65 -16.21 12.09 -15.52
CA ILE B 65 -16.42 12.48 -14.13
C ILE B 65 -15.66 13.77 -13.79
N LEU B 66 -14.49 13.92 -14.39
CA LEU B 66 -13.67 15.12 -14.23
C LEU B 66 -14.40 16.33 -14.83
N LYS B 67 -14.96 16.15 -16.03
CA LYS B 67 -15.67 17.20 -16.73
C LYS B 67 -16.90 17.62 -15.94
N THR B 68 -17.58 16.65 -15.32
CA THR B 68 -18.82 16.85 -14.57
C THR B 68 -18.63 17.64 -13.26
N CYS B 69 -17.51 17.46 -12.53
CA CYS B 69 -17.31 18.23 -11.29
C CYS B 69 -16.97 19.71 -11.54
N ARG B 70 -18.02 20.54 -11.60
CA ARG B 70 -17.90 21.97 -11.84
C ARG B 70 -18.41 22.83 -10.67
N HIS B 71 -17.47 23.37 -9.89
CA HIS B 71 -17.75 24.27 -8.76
C HIS B 71 -16.73 25.42 -8.80
N ALA B 72 -17.08 26.60 -8.27
CA ALA B 72 -16.15 27.73 -8.23
C ALA B 72 -14.84 27.43 -7.44
N ASN B 73 -14.85 26.55 -6.44
CA ASN B 73 -13.64 26.21 -5.69
C ASN B 73 -12.87 24.99 -6.24
N ILE B 74 -13.21 24.56 -7.46
CA ILE B 74 -12.53 23.44 -8.12
C ILE B 74 -11.94 23.99 -9.39
N VAL B 75 -10.64 23.74 -9.64
CA VAL B 75 -9.89 24.10 -10.84
C VAL B 75 -10.72 23.66 -12.09
N ALA B 76 -11.07 24.60 -12.94
CA ALA B 76 -11.91 24.40 -14.10
C ALA B 76 -11.26 23.47 -15.11
N TYR B 77 -12.05 22.57 -15.72
CA TYR B 77 -11.59 21.65 -16.74
C TYR B 77 -11.98 22.21 -18.10
N HIS B 78 -11.00 22.41 -18.99
CA HIS B 78 -11.23 22.97 -20.31
C HIS B 78 -11.13 21.98 -21.46
N GLY B 79 -11.13 20.69 -21.16
CA GLY B 79 -10.98 19.68 -22.20
C GLY B 79 -9.66 18.96 -22.10
N SER B 80 -9.50 17.93 -22.94
CA SER B 80 -8.29 17.15 -22.96
C SER B 80 -7.89 16.73 -24.37
N TYR B 81 -6.59 16.54 -24.59
CA TYR B 81 -6.04 16.17 -25.88
C TYR B 81 -5.33 14.83 -25.75
N LEU B 82 -5.40 13.99 -26.78
CA LEU B 82 -4.71 12.72 -26.79
C LEU B 82 -3.89 12.71 -28.04
N TRP B 83 -2.58 12.85 -27.92
CA TRP B 83 -1.71 12.96 -29.07
C TRP B 83 -0.33 12.36 -28.82
N LEU B 84 0.05 11.38 -29.66
CA LEU B 84 1.35 10.71 -29.61
C LEU B 84 1.68 10.11 -28.24
N GLN B 85 0.80 9.21 -27.72
CA GLN B 85 1.00 8.52 -26.43
C GLN B 85 1.01 9.50 -25.22
N LYS B 86 0.42 10.69 -25.38
CA LYS B 86 0.40 11.69 -24.32
C LYS B 86 -0.99 12.26 -24.13
N LEU B 87 -1.48 12.25 -22.89
CA LEU B 87 -2.78 12.85 -22.59
C LEU B 87 -2.51 14.21 -21.98
N TRP B 88 -3.09 15.26 -22.53
CA TRP B 88 -2.91 16.60 -22.03
C TRP B 88 -4.24 17.05 -21.47
N ILE B 89 -4.28 17.36 -20.16
CA ILE B 89 -5.50 17.85 -19.55
C ILE B 89 -5.38 19.36 -19.41
N CYS B 90 -6.30 20.08 -20.06
CA CYS B 90 -6.28 21.53 -20.05
C CYS B 90 -7.15 22.03 -18.92
N MET B 91 -6.57 22.86 -18.04
CA MET B 91 -7.25 23.41 -16.87
C MET B 91 -7.03 24.92 -16.74
N GLU B 92 -7.81 25.59 -15.88
CA GLU B 92 -7.60 27.01 -15.60
C GLU B 92 -6.24 27.16 -14.86
N PHE B 93 -5.50 28.21 -15.21
CA PHE B 93 -4.22 28.53 -14.62
C PHE B 93 -4.39 29.40 -13.37
N CYS B 94 -3.74 29.01 -12.26
CA CYS B 94 -3.76 29.77 -11.01
C CYS B 94 -2.37 30.37 -10.85
N GLY B 95 -2.24 31.65 -11.19
CA GLY B 95 -0.99 32.39 -11.25
C GLY B 95 -0.05 32.39 -10.07
N ALA B 96 -0.57 32.24 -8.85
CA ALA B 96 0.27 32.26 -7.65
C ALA B 96 0.78 30.90 -7.18
N GLY B 97 0.27 29.82 -7.76
CA GLY B 97 0.68 28.49 -7.36
C GLY B 97 -0.01 28.05 -6.08
N SER B 98 0.65 27.16 -5.32
CA SER B 98 0.06 26.60 -4.11
C SER B 98 0.31 27.46 -2.87
N LEU B 99 -0.46 27.20 -1.79
CA LEU B 99 -0.22 27.89 -0.51
C LEU B 99 1.16 27.54 0.05
N GLN B 100 1.70 26.33 -0.25
CA GLN B 100 3.03 25.97 0.21
C GLN B 100 4.06 26.84 -0.52
N ASP B 101 3.88 27.05 -1.85
CA ASP B 101 4.76 27.92 -2.64
C ASP B 101 4.74 29.36 -2.06
N ILE B 102 3.56 29.83 -1.67
CA ILE B 102 3.39 31.17 -1.09
C ILE B 102 3.98 31.30 0.32
N TYR B 103 3.58 30.43 1.27
CA TYR B 103 4.06 30.57 2.66
C TYR B 103 5.58 30.36 2.78
N GLN B 104 6.22 29.68 1.82
CA GLN B 104 7.67 29.51 1.86
C GLN B 104 8.43 30.82 1.64
N VAL B 105 7.73 31.88 1.18
CA VAL B 105 8.27 33.21 0.97
C VAL B 105 7.67 34.21 1.96
N THR B 106 6.34 34.12 2.18
CA THR B 106 5.64 35.06 3.05
C THR B 106 5.68 34.75 4.53
N GLY B 107 5.94 33.51 4.88
CA GLY B 107 5.84 33.09 6.27
C GLY B 107 4.40 32.72 6.61
N SER B 108 4.15 32.46 7.89
CA SER B 108 2.84 31.99 8.36
C SER B 108 1.68 32.93 8.01
N LEU B 109 0.50 32.34 7.76
CA LEU B 109 -0.69 33.14 7.40
C LEU B 109 -1.36 33.61 8.69
N SER B 110 -2.10 34.71 8.60
CA SER B 110 -2.88 35.23 9.72
C SER B 110 -4.11 34.30 9.93
N GLU B 111 -4.77 34.41 11.10
CA GLU B 111 -5.95 33.60 11.38
C GLU B 111 -7.08 33.89 10.38
N LEU B 112 -7.26 35.17 9.98
CA LEU B 112 -8.31 35.53 9.02
C LEU B 112 -8.00 34.93 7.66
N GLN B 113 -6.75 34.95 7.23
CA GLN B 113 -6.37 34.34 5.94
C GLN B 113 -6.64 32.85 5.95
N ILE B 114 -6.31 32.15 7.07
CA ILE B 114 -6.56 30.72 7.21
C ILE B 114 -8.06 30.44 7.23
N SER B 115 -8.84 31.31 7.88
CA SER B 115 -10.30 31.14 7.95
C SER B 115 -10.91 31.18 6.56
N TYR B 116 -10.47 32.15 5.72
CA TYR B 116 -10.95 32.28 4.35
C TYR B 116 -10.52 31.06 3.51
N VAL B 117 -9.26 30.62 3.63
CA VAL B 117 -8.79 29.44 2.91
C VAL B 117 -9.63 28.20 3.29
N CYS B 118 -9.83 27.99 4.61
CA CYS B 118 -10.61 26.85 5.10
C CYS B 118 -12.07 26.87 4.60
N ARG B 119 -12.71 28.04 4.60
CA ARG B 119 -14.08 28.17 4.09
C ARG B 119 -14.15 27.79 2.60
N GLU B 120 -13.22 28.32 1.79
CA GLU B 120 -13.19 28.02 0.36
C GLU B 120 -12.90 26.54 0.09
N VAL B 121 -11.98 25.94 0.84
CA VAL B 121 -11.65 24.52 0.70
C VAL B 121 -12.86 23.65 1.09
N LEU B 122 -13.55 24.01 2.18
CA LEU B 122 -14.77 23.33 2.68
C LEU B 122 -15.90 23.41 1.65
N GLN B 123 -16.02 24.54 0.94
CA GLN B 123 -17.02 24.66 -0.13
C GLN B 123 -16.71 23.64 -1.26
N GLY B 124 -15.43 23.56 -1.65
CA GLY B 124 -14.97 22.63 -2.67
C GLY B 124 -15.17 21.20 -2.24
N LEU B 125 -14.86 20.89 -0.96
CA LEU B 125 -15.02 19.54 -0.39
C LEU B 125 -16.50 19.16 -0.28
N ALA B 126 -17.39 20.09 0.09
CA ALA B 126 -18.83 19.81 0.16
C ALA B 126 -19.36 19.40 -1.22
N TYR B 127 -18.84 20.08 -2.28
CA TYR B 127 -19.17 19.79 -3.65
C TYR B 127 -18.67 18.40 -4.09
N LEU B 128 -17.39 18.05 -3.80
CA LEU B 128 -16.84 16.74 -4.16
C LEU B 128 -17.57 15.62 -3.40
N HIS B 129 -17.81 15.81 -2.10
CA HIS B 129 -18.49 14.83 -1.27
C HIS B 129 -19.96 14.63 -1.68
N SER B 130 -20.60 15.65 -2.27
CA SER B 130 -21.96 15.50 -2.79
C SER B 130 -21.97 14.64 -4.08
N GLN B 131 -20.85 14.63 -4.81
CA GLN B 131 -20.65 13.83 -6.02
C GLN B 131 -20.03 12.46 -5.70
N LYS B 132 -20.05 12.04 -4.42
CA LYS B 132 -19.47 10.79 -3.93
C LYS B 132 -17.99 10.66 -4.31
N LYS B 133 -17.26 11.79 -4.25
CA LYS B 133 -15.83 11.81 -4.54
C LYS B 133 -15.02 12.11 -3.27
N ILE B 134 -13.75 11.71 -3.25
CA ILE B 134 -12.84 11.97 -2.14
C ILE B 134 -11.60 12.63 -2.72
N HIS B 135 -11.16 13.75 -2.13
CA HIS B 135 -9.97 14.44 -2.63
C HIS B 135 -8.72 13.60 -2.36
N ARG B 136 -8.63 13.06 -1.13
CA ARG B 136 -7.55 12.20 -0.64
C ARG B 136 -6.22 12.90 -0.33
N ASP B 137 -6.00 14.13 -0.82
CA ASP B 137 -4.70 14.77 -0.57
C ASP B 137 -4.81 16.27 -0.21
N ILE B 138 -5.62 16.61 0.78
CA ILE B 138 -5.74 18.00 1.23
C ILE B 138 -4.45 18.37 1.99
N LYS B 139 -3.78 19.41 1.51
CA LYS B 139 -2.53 19.94 2.08
C LYS B 139 -2.23 21.24 1.37
N GLY B 140 -1.36 22.07 1.94
CA GLY B 140 -0.99 23.37 1.39
C GLY B 140 -0.52 23.30 -0.05
N ALA B 141 0.27 22.27 -0.36
CA ALA B 141 0.79 22.03 -1.72
C ALA B 141 -0.31 21.79 -2.74
N ASN B 142 -1.50 21.35 -2.30
CA ASN B 142 -2.59 21.06 -3.21
C ASN B 142 -3.72 22.10 -3.23
N ILE B 143 -3.51 23.24 -2.54
CA ILE B 143 -4.52 24.32 -2.56
C ILE B 143 -3.97 25.41 -3.42
N LEU B 144 -4.59 25.66 -4.57
CA LEU B 144 -4.11 26.67 -5.51
C LEU B 144 -4.73 28.03 -5.33
N ILE B 145 -3.93 29.09 -5.57
CA ILE B 145 -4.36 30.46 -5.46
C ILE B 145 -4.15 31.16 -6.80
N ASN B 146 -5.19 31.84 -7.32
CA ASN B 146 -5.01 32.62 -8.55
C ASN B 146 -4.64 34.07 -8.24
N ASP B 147 -4.27 34.89 -9.26
CA ASP B 147 -3.92 36.30 -9.04
C ASP B 147 -5.08 37.15 -8.48
N ALA B 148 -6.30 36.64 -8.54
CA ALA B 148 -7.46 37.31 -7.96
C ALA B 148 -7.64 37.01 -6.43
N GLY B 149 -6.76 36.19 -5.85
CA GLY B 149 -6.89 35.81 -4.45
C GLY B 149 -7.91 34.71 -4.20
N GLU B 150 -8.35 34.02 -5.27
CA GLU B 150 -9.32 32.93 -5.16
C GLU B 150 -8.68 31.60 -4.87
N VAL B 151 -9.43 30.70 -4.23
CA VAL B 151 -8.96 29.39 -3.76
C VAL B 151 -9.56 28.26 -4.57
N ARG B 152 -8.69 27.38 -5.10
CA ARG B 152 -9.10 26.24 -5.92
C ARG B 152 -8.42 24.94 -5.49
N LEU B 153 -9.17 23.84 -5.60
CA LEU B 153 -8.71 22.46 -5.41
C LEU B 153 -8.71 21.85 -6.82
N ALA B 154 -7.73 21.03 -7.18
CA ALA B 154 -7.73 20.35 -8.50
C ALA B 154 -8.42 19.01 -8.35
N GLY B 163 -0.91 6.60 -16.71
CA GLY B 163 0.52 6.78 -17.00
C GLY B 163 1.51 6.17 -16.02
N ALA B 164 2.58 6.92 -15.73
CA ALA B 164 3.68 6.51 -14.86
C ALA B 164 3.33 6.37 -13.38
N GLU B 165 2.31 7.09 -12.89
CA GLU B 165 1.90 6.97 -11.49
C GLU B 165 1.16 5.64 -11.25
N LEU B 166 0.36 5.22 -12.24
CA LEU B 166 -0.37 3.96 -12.19
C LEU B 166 0.62 2.79 -12.37
N ALA B 167 1.61 2.94 -13.27
CA ALA B 167 2.63 1.90 -13.47
C ALA B 167 3.49 1.72 -12.22
N ARG B 168 3.76 2.79 -11.48
CA ARG B 168 4.54 2.75 -10.25
C ARG B 168 3.73 2.05 -9.13
N ARG B 169 2.42 2.32 -9.08
CA ARG B 169 1.51 1.72 -8.09
C ARG B 169 1.46 0.21 -8.28
N LEU B 170 1.40 -0.25 -9.54
CA LEU B 170 1.38 -1.67 -9.84
C LEU B 170 2.73 -2.33 -9.52
N GLU B 171 3.83 -1.58 -9.67
CA GLU B 171 5.18 -2.06 -9.42
C GLU B 171 5.44 -2.28 -7.93
N PHE B 172 4.75 -1.54 -7.04
CA PHE B 172 4.95 -1.75 -5.61
C PHE B 172 4.45 -3.13 -5.20
N GLY B 174 3.43 -5.64 -6.86
CA GLY B 174 3.93 -6.89 -7.40
C GLY B 174 2.82 -7.67 -8.06
N THR B 175 3.06 -8.96 -8.31
CA THR B 175 2.07 -9.81 -8.95
C THR B 175 0.82 -9.93 -8.08
N PRO B 176 -0.36 -9.76 -8.67
CA PRO B 176 -1.60 -9.88 -7.88
C PRO B 176 -2.28 -11.25 -7.98
N TYR B 177 -1.72 -12.22 -8.72
CA TYR B 177 -2.38 -13.50 -9.03
C TYR B 177 -2.76 -14.35 -7.79
N TRP B 178 -1.99 -14.26 -6.74
CA TRP B 178 -2.27 -15.02 -5.52
C TRP B 178 -3.03 -14.19 -4.45
N MET B 179 -3.32 -12.90 -4.77
CA MET B 179 -3.94 -11.94 -3.85
C MET B 179 -5.38 -12.23 -3.60
N ALA B 180 -5.83 -12.15 -2.34
CA ALA B 180 -7.25 -12.29 -2.02
C ALA B 180 -7.97 -11.00 -2.55
N PRO B 181 -9.28 -11.05 -2.87
CA PRO B 181 -9.95 -9.84 -3.40
C PRO B 181 -9.91 -8.63 -2.46
N GLU B 182 -10.04 -8.85 -1.15
CA GLU B 182 -9.98 -7.76 -0.18
C GLU B 182 -8.58 -7.12 -0.10
N VAL B 183 -7.52 -7.84 -0.49
CA VAL B 183 -6.18 -7.28 -0.56
C VAL B 183 -6.09 -6.43 -1.84
N ALA B 184 -6.64 -6.93 -2.97
CA ALA B 184 -6.65 -6.22 -4.24
C ALA B 184 -7.42 -4.88 -4.11
N ALA B 185 -8.54 -4.88 -3.37
CA ALA B 185 -9.40 -3.71 -3.16
C ALA B 185 -8.67 -2.63 -2.37
N VAL B 186 -7.90 -3.03 -1.36
CA VAL B 186 -7.11 -2.07 -0.60
C VAL B 186 -5.91 -1.57 -1.42
N ALA B 187 -5.31 -2.45 -2.25
CA ALA B 187 -4.22 -2.05 -3.14
C ALA B 187 -4.70 -1.06 -4.23
N LEU B 188 -6.01 -0.93 -4.45
CA LEU B 188 -6.54 0.00 -5.44
C LEU B 188 -7.44 1.10 -4.86
N LYS B 189 -7.72 1.09 -3.56
CA LYS B 189 -8.60 2.09 -2.96
C LYS B 189 -7.98 2.74 -1.72
N GLY B 190 -7.38 1.91 -0.86
CA GLY B 190 -6.78 2.35 0.40
C GLY B 190 -7.82 2.40 1.50
N GLY B 191 -7.55 3.19 2.53
CA GLY B 191 -8.47 3.34 3.66
C GLY B 191 -9.25 4.64 3.64
N TYR B 192 -9.34 5.21 2.47
CA TYR B 192 -9.96 6.48 2.23
C TYR B 192 -11.49 6.48 2.34
N ASN B 193 -11.98 7.44 3.09
CA ASN B 193 -13.39 7.75 3.28
C ASN B 193 -13.51 9.29 3.12
N GLU B 194 -14.69 9.82 2.78
CA GLU B 194 -14.85 11.26 2.59
C GLU B 194 -14.39 12.10 3.78
N LEU B 195 -14.67 11.67 5.02
CA LEU B 195 -14.29 12.45 6.21
C LEU B 195 -12.78 12.52 6.46
N CYS B 196 -11.98 11.75 5.72
CA CYS B 196 -10.53 11.84 5.83
C CYS B 196 -10.04 13.24 5.36
N ASP B 197 -10.73 13.85 4.37
CA ASP B 197 -10.43 15.20 3.85
C ASP B 197 -10.64 16.28 4.91
N ILE B 198 -11.56 16.05 5.86
CA ILE B 198 -11.88 16.95 6.97
C ILE B 198 -10.72 16.94 7.96
N TRP B 199 -10.18 15.74 8.26
CA TRP B 199 -9.01 15.63 9.15
C TRP B 199 -7.83 16.33 8.47
N SER B 200 -7.62 16.07 7.18
CA SER B 200 -6.54 16.66 6.40
C SER B 200 -6.61 18.20 6.33
N LEU B 201 -7.82 18.76 6.34
CA LEU B 201 -7.97 20.21 6.35
C LEU B 201 -7.56 20.79 7.70
N GLY B 202 -7.90 20.10 8.79
CA GLY B 202 -7.48 20.50 10.12
C GLY B 202 -5.97 20.48 10.25
N ILE B 203 -5.30 19.47 9.64
CA ILE B 203 -3.82 19.42 9.64
C ILE B 203 -3.27 20.59 8.79
N THR B 204 -3.88 20.85 7.61
CA THR B 204 -3.48 21.91 6.71
C THR B 204 -3.60 23.30 7.41
N ALA B 205 -4.66 23.50 8.24
CA ALA B 205 -4.82 24.74 8.98
C ALA B 205 -3.64 24.96 9.93
N ILE B 206 -3.14 23.87 10.57
CA ILE B 206 -1.98 23.97 11.44
C ILE B 206 -0.74 24.27 10.57
N GLU B 207 -0.63 23.61 9.40
CA GLU B 207 0.45 23.82 8.44
C GLU B 207 0.56 25.28 7.97
N LEU B 208 -0.56 25.94 7.65
CA LEU B 208 -0.57 27.35 7.24
C LEU B 208 -0.21 28.29 8.38
N ALA B 209 -0.54 27.89 9.62
CA ALA B 209 -0.25 28.69 10.80
C ALA B 209 1.18 28.54 11.27
N GLU B 210 1.80 27.36 11.06
CA GLU B 210 3.13 27.06 11.62
C GLU B 210 4.23 26.70 10.63
N LEU B 211 3.91 26.67 9.33
CA LEU B 211 4.83 26.38 8.21
C LEU B 211 5.20 24.88 8.05
N GLN B 212 4.63 24.01 8.90
CA GLN B 212 4.83 22.56 8.85
C GLN B 212 3.61 21.92 9.45
N PRO B 213 3.27 20.69 9.00
CA PRO B 213 2.21 19.94 9.67
C PRO B 213 2.78 19.40 11.01
N PRO B 214 1.91 19.00 11.95
CA PRO B 214 2.41 18.38 13.18
C PRO B 214 3.29 17.15 12.93
N LEU B 215 4.34 16.97 13.74
CA LEU B 215 5.27 15.82 13.67
C LEU B 215 6.15 15.79 12.43
N PHE B 216 6.29 16.91 11.69
N PHE B 216 6.31 16.94 11.73
CA PHE B 216 7.11 16.97 10.46
CA PHE B 216 7.12 17.08 10.51
C PHE B 216 8.55 16.48 10.64
C PHE B 216 8.54 16.51 10.64
N ASP B 217 9.11 16.62 11.85
CA ASP B 217 10.47 16.18 12.13
C ASP B 217 10.57 14.73 12.65
N VAL B 218 9.44 14.02 12.72
CA VAL B 218 9.38 12.65 13.18
C VAL B 218 9.31 11.69 11.97
N HIS B 219 10.05 10.55 12.02
CA HIS B 219 10.07 9.52 10.96
C HIS B 219 8.65 9.08 10.63
N PRO B 220 8.32 8.95 9.31
CA PRO B 220 6.97 8.54 8.90
C PRO B 220 6.42 7.25 9.52
N LEU B 221 7.27 6.20 9.69
CA LEU B 221 6.79 4.97 10.29
C LEU B 221 6.36 5.20 11.73
N ARG B 222 7.13 5.99 12.46
CA ARG B 222 6.84 6.34 13.83
C ARG B 222 5.52 7.10 13.92
N VAL B 223 5.29 8.01 12.95
CA VAL B 223 4.05 8.77 12.86
C VAL B 223 2.89 7.86 12.66
N LEU B 224 2.96 6.97 11.64
CA LEU B 224 1.92 5.97 11.34
C LEU B 224 1.63 5.12 12.56
N PHE B 225 2.67 4.61 13.23
CA PHE B 225 2.53 3.82 14.44
C PHE B 225 1.82 4.56 15.56
N LEU B 226 2.24 5.80 15.85
CA LEU B 226 1.66 6.60 16.92
C LEU B 226 0.19 6.91 16.66
N MET B 227 -0.18 7.13 15.38
CA MET B 227 -1.55 7.39 14.92
C MET B 227 -2.49 6.22 15.19
N THR B 228 -1.96 5.00 15.08
CA THR B 228 -2.73 3.77 15.29
C THR B 228 -2.70 3.27 16.76
N LYS B 229 -2.34 4.14 17.72
CA LYS B 229 -2.34 3.79 19.14
C LYS B 229 -3.63 4.28 19.82
N SER B 230 -3.97 3.69 20.98
CA SER B 230 -5.18 4.03 21.72
C SER B 230 -5.11 5.43 22.37
N GLY B 231 -4.05 5.70 23.12
CA GLY B 231 -3.84 6.98 23.79
C GLY B 231 -3.37 8.09 22.88
N TYR B 232 -3.59 7.95 21.56
CA TYR B 232 -3.17 8.94 20.58
C TYR B 232 -3.94 10.25 20.74
N GLN B 233 -3.21 11.31 20.93
CA GLN B 233 -3.77 12.62 21.09
C GLN B 233 -3.72 13.28 19.72
N PRO B 234 -4.88 13.69 19.18
CA PRO B 234 -4.86 14.43 17.90
C PRO B 234 -4.08 15.74 18.09
N PRO B 235 -3.30 16.14 17.08
CA PRO B 235 -2.46 17.34 17.23
C PRO B 235 -3.23 18.63 17.52
N ARG B 236 -2.49 19.64 17.99
CA ARG B 236 -3.03 20.95 18.35
C ARG B 236 -2.08 22.06 17.86
N LEU B 237 -2.57 23.32 17.86
CA LEU B 237 -1.74 24.46 17.55
C LEU B 237 -0.72 24.63 18.70
N LYS B 238 0.52 24.99 18.36
CA LYS B 238 1.63 25.12 19.30
C LYS B 238 1.54 26.34 20.24
N GLU B 239 1.25 27.56 19.73
CA GLU B 239 1.19 28.76 20.59
C GLU B 239 -0.27 29.17 20.86
N LYS B 240 -0.84 28.69 21.98
CA LYS B 240 -2.24 28.88 22.35
C LYS B 240 -2.75 30.34 22.30
N GLY B 241 -2.05 31.26 22.97
CA GLY B 241 -2.43 32.67 23.01
C GLY B 241 -2.55 33.40 21.69
N LYS B 242 -1.78 32.98 20.69
CA LYS B 242 -1.75 33.58 19.35
C LYS B 242 -3.08 33.39 18.57
N TRP B 243 -3.83 32.33 18.91
CA TRP B 243 -5.04 32.00 18.16
C TRP B 243 -6.33 32.10 18.96
N SER B 244 -7.42 32.51 18.31
CA SER B 244 -8.70 32.64 18.99
C SER B 244 -9.27 31.28 19.45
N ALA B 245 -10.25 31.31 20.36
CA ALA B 245 -10.93 30.09 20.83
C ALA B 245 -11.63 29.40 19.66
N ALA B 246 -12.16 30.19 18.68
CA ALA B 246 -12.81 29.62 17.50
C ALA B 246 -11.82 28.82 16.64
N PHE B 247 -10.56 29.29 16.50
CA PHE B 247 -9.55 28.55 15.72
C PHE B 247 -9.13 27.27 16.46
N HIS B 248 -8.96 27.31 17.81
CA HIS B 248 -8.62 26.09 18.55
C HIS B 248 -9.78 25.08 18.44
N ASN B 249 -11.04 25.54 18.53
CA ASN B 249 -12.20 24.65 18.41
C ASN B 249 -12.33 24.06 16.99
N PHE B 250 -12.01 24.83 15.93
CA PHE B 250 -12.03 24.34 14.54
C PHE B 250 -11.05 23.18 14.40
N ILE B 251 -9.82 23.36 14.94
CA ILE B 251 -8.80 22.31 14.94
C ILE B 251 -9.31 21.09 15.75
N LYS B 252 -9.90 21.33 16.92
CA LYS B 252 -10.46 20.27 17.76
C LYS B 252 -11.52 19.37 17.06
N VAL B 253 -12.55 19.97 16.44
CA VAL B 253 -13.61 19.19 15.78
C VAL B 253 -13.15 18.56 14.47
N THR B 254 -12.34 19.25 13.63
CA THR B 254 -11.85 18.64 12.38
C THR B 254 -10.93 17.45 12.70
N LEU B 255 -10.16 17.53 13.79
CA LEU B 255 -9.26 16.46 14.18
C LEU B 255 -9.91 15.49 15.18
N THR B 256 -11.18 15.12 14.90
CA THR B 256 -11.88 14.14 15.72
C THR B 256 -11.36 12.79 15.27
N LYS B 257 -10.77 12.01 16.20
CA LYS B 257 -10.18 10.70 15.90
C LYS B 257 -11.11 9.71 15.20
N SER B 258 -12.32 9.53 15.76
CA SER B 258 -13.29 8.61 15.18
C SER B 258 -13.98 9.23 13.97
N PRO B 259 -13.92 8.59 12.79
CA PRO B 259 -14.61 9.15 11.62
C PRO B 259 -16.13 9.19 11.79
N LYS B 260 -16.69 8.28 12.60
CA LYS B 260 -18.14 8.27 12.90
C LYS B 260 -18.58 9.54 13.64
N LYS B 261 -17.65 10.26 14.30
CA LYS B 261 -17.96 11.48 15.04
C LYS B 261 -17.42 12.76 14.36
N ARG B 262 -16.53 12.62 13.36
CA ARG B 262 -15.93 13.76 12.65
C ARG B 262 -17.00 14.46 11.83
N PRO B 263 -17.12 15.78 11.95
CA PRO B 263 -18.15 16.50 11.17
C PRO B 263 -17.93 16.48 9.67
N SER B 264 -19.03 16.54 8.91
CA SER B 264 -18.99 16.59 7.46
C SER B 264 -18.55 18.00 7.00
N ALA B 265 -18.26 18.17 5.70
CA ALA B 265 -17.89 19.47 5.16
C ALA B 265 -19.05 20.46 5.30
N THR B 266 -20.30 20.03 5.03
CA THR B 266 -21.44 20.92 5.17
C THR B 266 -21.60 21.41 6.62
N LYS B 267 -21.43 20.50 7.59
CA LYS B 267 -21.51 20.86 9.01
C LYS B 267 -20.39 21.84 9.37
N MET B 268 -19.17 21.58 8.90
CA MET B 268 -18.04 22.48 9.15
C MET B 268 -18.25 23.85 8.58
N LEU B 269 -19.01 23.98 7.50
CA LEU B 269 -19.31 25.28 6.90
C LEU B 269 -20.17 26.16 7.80
N SER B 270 -20.80 25.61 8.84
CA SER B 270 -21.57 26.39 9.80
C SER B 270 -20.74 26.75 11.06
N HIS B 271 -19.47 26.29 11.14
CA HIS B 271 -18.59 26.60 12.28
C HIS B 271 -18.27 28.08 12.28
N GLN B 272 -18.12 28.66 13.47
CA GLN B 272 -17.90 30.09 13.68
C GLN B 272 -16.63 30.67 12.99
N LEU B 273 -15.55 29.87 12.85
CA LEU B 273 -14.32 30.32 12.19
C LEU B 273 -14.54 30.59 10.71
N VAL B 274 -15.33 29.75 10.04
CA VAL B 274 -15.57 29.94 8.61
C VAL B 274 -16.87 30.67 8.31
N SER B 275 -17.72 30.94 9.32
CA SER B 275 -18.97 31.68 9.14
C SER B 275 -18.84 33.17 9.44
N GLN B 276 -17.72 33.61 10.01
CA GLN B 276 -17.51 35.00 10.38
C GLN B 276 -17.53 35.96 9.18
N PRO B 277 -18.02 37.20 9.41
CA PRO B 277 -18.03 38.18 8.32
C PRO B 277 -16.60 38.67 8.00
N GLY B 278 -16.43 39.29 6.83
CA GLY B 278 -15.13 39.80 6.41
C GLY B 278 -14.18 38.78 5.79
N LEU B 279 -14.67 37.56 5.48
CA LEU B 279 -13.81 36.58 4.82
C LEU B 279 -13.98 36.77 3.32
N ASN B 280 -12.98 37.31 2.67
CA ASN B 280 -13.03 37.52 1.23
C ASN B 280 -11.65 37.47 0.60
N ARG B 281 -11.58 37.41 -0.72
CA ARG B 281 -10.34 37.29 -1.48
C ARG B 281 -9.34 38.42 -1.23
N GLY B 282 -9.81 39.55 -0.69
CA GLY B 282 -8.95 40.67 -0.32
C GLY B 282 -7.91 40.26 0.68
N LEU B 283 -8.23 39.34 1.59
CA LEU B 283 -7.26 38.80 2.56
C LEU B 283 -6.05 38.14 1.86
N ILE B 284 -6.32 37.46 0.75
CA ILE B 284 -5.29 36.78 -0.02
C ILE B 284 -4.58 37.72 -0.98
N LEU B 285 -5.25 38.76 -1.48
CA LEU B 285 -4.59 39.80 -2.28
C LEU B 285 -3.51 40.50 -1.41
N ASP B 286 -3.78 40.68 -0.10
CA ASP B 286 -2.82 41.22 0.86
C ASP B 286 -1.62 40.26 0.97
N LEU B 287 -1.90 38.93 1.05
CA LEU B 287 -0.86 37.91 1.15
C LEU B 287 0.01 37.92 -0.10
N LEU B 288 -0.60 38.07 -1.28
CA LEU B 288 0.09 38.10 -2.56
C LEU B 288 0.95 39.33 -2.71
N ASP B 289 0.51 40.47 -2.15
CA ASP B 289 1.30 41.70 -2.15
C ASP B 289 2.59 41.47 -1.33
N LYS B 290 2.47 40.80 -0.18
CA LYS B 290 3.60 40.46 0.69
C LYS B 290 4.59 39.53 -0.03
N LEU B 291 4.10 38.67 -0.92
CA LEU B 291 4.90 37.74 -1.72
C LEU B 291 5.75 38.49 -2.75
N LYS B 292 5.20 39.58 -3.32
CA LYS B 292 5.94 40.40 -4.29
C LYS B 292 7.04 41.19 -3.59
N ASN B 293 6.70 41.81 -2.44
CA ASN B 293 7.64 42.65 -1.70
C ASN B 293 7.60 42.38 -0.19
N PRO B 294 8.32 41.36 0.29
CA PRO B 294 8.29 41.07 1.73
C PRO B 294 9.16 42.04 2.56
C1 UES C . 12.25 -15.23 0.61
C3 UES C . 13.27 -17.39 1.31
N6 UES C . 12.62 -16.05 2.97
C7 UES C . 14.14 -19.36 2.68
C8 UES C . 14.22 -19.91 3.98
C9 UES C . 14.72 -21.16 4.18
C10 UES C . 15.16 -21.92 3.08
C11 UES C . 15.67 -23.22 3.25
C13 UES C . 15.97 -23.38 0.92
C15 UES C . 16.58 -23.97 -1.48
C16 UES C . 17.27 -24.92 -2.22
C19 UES C . 16.12 -22.75 -3.50
C20 UES C . 16.00 -22.87 -2.12
C21 UES C . 16.88 -23.56 -5.74
C22 UES C . 16.61 -24.88 -6.48
C27 UES C . 18.22 -22.95 -6.17
C30 UES C . 14.55 -20.10 1.57
N2 UES C . 12.72 -16.21 1.59
C4 UES C . 13.53 -18.01 2.50
C5 UES C . 13.08 -17.14 3.52
N12 UES C . 16.06 -23.89 2.15
N14 UES C . 16.46 -24.20 -0.09
C17 UES C . 17.36 -24.82 -3.60
C18 UES C . 16.79 -23.72 -4.23
C23 UES C . 16.71 -24.68 -8.00
N24 UES C . 17.99 -24.01 -8.38
C25 UES C . 18.05 -23.82 -9.84
C26 UES C . 18.22 -22.72 -7.70
N28 UES C . 15.51 -22.16 0.70
C29 UES C . 15.08 -21.39 1.75
C1 UES D . 0.06 17.38 -10.03
C3 UES D . -0.81 19.65 -10.63
N6 UES D . -2.21 17.95 -11.03
C7 UES D . -2.29 21.57 -11.44
C8 UES D . -3.59 21.90 -11.89
C9 UES D . -3.95 23.18 -12.14
C10 UES D . -3.00 24.20 -11.94
C11 UES D . -3.31 25.55 -12.18
C13 UES D . -1.15 26.14 -11.55
C15 UES D . 1.02 27.22 -10.86
C16 UES D . 1.67 28.46 -10.82
C19 UES D . 2.95 26.21 -9.79
C20 UES D . 1.67 26.10 -10.34
C21 UES D . 4.94 27.57 -9.15
C22 UES D . 4.95 28.73 -8.14
C27 UES D . 6.05 27.72 -10.21
C30 UES D . -1.33 22.55 -11.22
N2 UES D . -0.94 18.31 -10.55
C4 UES D . -1.97 20.14 -11.17
C5 UES D . -2.82 19.04 -11.42
N12 UES D . -2.37 26.45 -12.01
N14 UES D . -0.26 27.20 -11.40
C17 UES D . 2.92 28.57 -10.26
C18 UES D . 3.57 27.44 -9.77
C23 UES D . 6.35 28.91 -7.52
N24 UES D . 7.38 29.03 -8.58
C25 UES D . 8.69 29.27 -7.96
C26 UES D . 7.41 27.88 -9.52
N28 UES D . -0.80 24.89 -11.30
C29 UES D . -1.68 23.88 -11.47
#